data_5M6H
#
_entry.id   5M6H
#
_cell.length_a   70.986
_cell.length_b   70.986
_cell.length_c   105.656
_cell.angle_alpha   90.00
_cell.angle_beta   90.00
_cell.angle_gamma   90.00
#
_symmetry.space_group_name_H-M   'P 41 2 2'
#
loop_
_entity.id
_entity.type
_entity.pdbx_description
1 polymer 'E3 ubiquitin-protein ligase XIAP'
2 non-polymer 'ZINC ION'
3 non-polymer 'SODIUM ION'
4 non-polymer 1-[3,3-dimethyl-6-(phenylmethyl)-2~{H}-pyrrolo[3,2-b]pyridin-1-yl]-2-[(2~{R},5~{R})-5-methyl-2-morpholin-4-ylcarbonyl-piperazin-4-ium-1-yl]ethanone
5 water water
#
_entity_poly.entity_id   1
_entity_poly.type   'polypeptide(L)'
_entity_poly.pdbx_seq_one_letter_code
;MGSSHHHHHHSSGLVPRGSHMNFPNSTNLPRNPSMADYEARIFTFGTWIYSVNKEQLARAGFYALGEGDKVKCFHCGGGL
TDWKPSEDPWEQHAKWYPGCKYLLEQKGQEYINNIHLTHSLEECLVR
;
_entity_poly.pdbx_strand_id   A
#
# COMPACT_ATOMS: atom_id res chain seq x y z
N MET A 21 3.92 6.97 -12.62
CA MET A 21 4.46 7.15 -13.97
C MET A 21 4.74 5.79 -14.70
N ASN A 22 5.23 4.74 -13.97
CA ASN A 22 5.37 3.36 -14.50
C ASN A 22 4.05 2.62 -14.31
N PHE A 23 3.73 1.65 -15.18
CA PHE A 23 2.46 0.93 -15.06
C PHE A 23 2.45 0.09 -13.77
N PRO A 24 1.29 -0.13 -13.13
CA PRO A 24 1.28 -0.98 -11.91
C PRO A 24 1.42 -2.47 -12.28
N ASN A 25 2.14 -3.24 -11.46
CA ASN A 25 2.29 -4.67 -11.71
C ASN A 25 1.04 -5.39 -11.26
N SER A 26 0.32 -5.98 -12.22
CA SER A 26 -0.85 -6.76 -11.83
C SER A 26 -0.61 -8.23 -11.93
N THR A 27 0.65 -8.69 -11.98
CA THR A 27 0.91 -10.15 -12.01
C THR A 27 0.99 -10.68 -10.61
N ASN A 28 1.09 -12.01 -10.46
CA ASN A 28 1.16 -12.66 -9.16
C ASN A 28 2.56 -12.72 -8.65
N LEU A 29 3.50 -12.19 -9.42
CA LEU A 29 4.92 -12.11 -9.11
C LEU A 29 5.30 -10.70 -8.64
N PRO A 30 5.99 -10.60 -7.47
CA PRO A 30 6.39 -9.28 -6.96
C PRO A 30 7.40 -8.56 -7.83
N ARG A 31 7.15 -7.28 -8.08
CA ARG A 31 8.06 -6.38 -8.78
C ARG A 31 9.39 -6.22 -8.01
N ASN A 32 9.31 -6.12 -6.70
CA ASN A 32 10.51 -6.02 -5.91
C ASN A 32 10.62 -7.18 -4.92
N PRO A 33 11.06 -8.38 -5.33
CA PRO A 33 11.18 -9.50 -4.37
C PRO A 33 12.22 -9.32 -3.23
N SER A 34 13.15 -8.33 -3.35
CA SER A 34 14.07 -8.00 -2.23
C SER A 34 13.33 -7.49 -1.01
N MET A 35 12.13 -6.94 -1.23
CA MET A 35 11.26 -6.35 -0.21
C MET A 35 10.06 -7.24 0.11
N ALA A 36 10.13 -8.54 -0.22
CA ALA A 36 9.00 -9.44 -0.02
C ALA A 36 8.81 -9.78 1.44
N ASP A 37 9.89 -9.73 2.26
CA ASP A 37 9.78 -10.03 3.69
C ASP A 37 9.44 -8.83 4.52
N TYR A 38 8.47 -9.01 5.42
CA TYR A 38 8.05 -7.96 6.34
C TYR A 38 9.28 -7.29 7.02
N GLU A 39 10.18 -8.08 7.60
CA GLU A 39 11.40 -7.59 8.24
C GLU A 39 12.25 -6.73 7.31
N ALA A 40 12.42 -7.15 6.02
CA ALA A 40 13.14 -6.33 5.05
C ALA A 40 12.51 -4.95 4.85
N ARG A 41 11.18 -4.88 4.66
CA ARG A 41 10.41 -3.61 4.55
C ARG A 41 10.56 -2.74 5.78
N ILE A 42 10.52 -3.37 6.98
CA ILE A 42 10.60 -2.66 8.26
C ILE A 42 11.92 -1.89 8.34
N PHE A 43 13.04 -2.49 7.89
CA PHE A 43 14.35 -1.82 7.92
C PHE A 43 14.44 -0.53 7.12
N THR A 44 13.64 -0.38 6.08
CA THR A 44 13.78 0.76 5.14
C THR A 44 13.33 2.08 5.74
N PHE A 45 12.50 2.04 6.79
CA PHE A 45 11.91 3.23 7.40
C PHE A 45 12.93 4.00 8.27
N GLY A 46 13.70 3.28 9.09
CA GLY A 46 14.50 3.88 10.16
C GLY A 46 13.60 4.65 11.11
N THR A 47 14.13 5.67 11.82
CA THR A 47 13.24 6.51 12.63
C THR A 47 12.20 7.20 11.75
N TRP A 48 10.93 6.97 12.08
CA TRP A 48 9.81 7.36 11.23
C TRP A 48 8.97 8.37 12.00
N ILE A 49 8.93 9.62 11.48
CA ILE A 49 8.34 10.76 12.19
C ILE A 49 6.89 10.96 11.75
N TYR A 50 6.44 10.20 10.75
CA TYR A 50 5.23 10.51 10.02
C TYR A 50 4.00 10.03 10.75
N SER A 51 2.82 10.56 10.36
CA SER A 51 1.59 10.34 11.13
C SER A 51 1.12 8.86 11.06
N VAL A 52 1.45 8.21 9.95
CA VAL A 52 1.07 6.84 9.70
C VAL A 52 2.15 5.86 10.14
N ASN A 53 1.70 4.85 10.88
CA ASN A 53 2.42 3.78 11.54
C ASN A 53 3.21 2.89 10.54
N LYS A 54 4.55 2.83 10.74
CA LYS A 54 5.46 2.06 9.90
C LYS A 54 5.18 0.56 9.91
N GLU A 55 4.76 -0.01 11.06
CA GLU A 55 4.52 -1.47 11.02
C GLU A 55 3.23 -1.80 10.21
N GLN A 56 2.22 -0.94 10.31
CA GLN A 56 0.96 -0.94 9.59
C GLN A 56 1.24 -0.76 8.09
N LEU A 57 2.19 0.14 7.76
CA LEU A 57 2.68 0.32 6.38
C LEU A 57 3.34 -0.93 5.81
N ALA A 58 4.26 -1.56 6.58
CA ALA A 58 5.02 -2.73 6.17
C ALA A 58 4.10 -3.91 6.02
N ARG A 59 3.07 -4.01 6.90
CA ARG A 59 2.03 -5.06 6.78
C ARG A 59 1.18 -4.92 5.52
N ALA A 60 0.94 -3.68 5.06
CA ALA A 60 0.22 -3.39 3.82
C ALA A 60 1.11 -3.57 2.58
N GLY A 61 2.29 -4.17 2.79
CA GLY A 61 3.32 -4.42 1.78
C GLY A 61 4.18 -3.24 1.39
N PHE A 62 4.08 -2.11 2.13
CA PHE A 62 4.86 -0.90 1.79
C PHE A 62 6.26 -0.86 2.42
N TYR A 63 7.27 -0.36 1.67
CA TYR A 63 8.63 -0.06 2.22
C TYR A 63 8.92 1.42 1.97
N ALA A 64 9.76 2.05 2.79
CA ALA A 64 10.08 3.47 2.67
C ALA A 64 11.07 3.69 1.56
N LEU A 65 10.93 4.82 0.86
CA LEU A 65 11.94 5.23 -0.11
C LEU A 65 13.08 6.15 0.46
N GLY A 66 12.87 6.68 1.66
CA GLY A 66 13.79 7.64 2.25
C GLY A 66 13.60 9.06 1.75
N GLU A 67 12.50 9.39 1.00
CA GLU A 67 12.17 10.82 0.81
C GLU A 67 10.78 11.15 1.32
N GLY A 68 10.76 11.89 2.42
CA GLY A 68 9.54 12.14 3.17
C GLY A 68 8.82 10.85 3.51
N ASP A 69 7.50 10.83 3.31
CA ASP A 69 6.72 9.63 3.62
C ASP A 69 6.38 8.85 2.36
N LYS A 70 7.21 8.98 1.29
CA LYS A 70 7.10 8.18 0.07
C LYS A 70 7.29 6.71 0.39
N VAL A 71 6.26 5.91 0.09
CA VAL A 71 6.34 4.45 0.12
C VAL A 71 6.06 3.85 -1.25
N LYS A 72 6.57 2.62 -1.49
CA LYS A 72 6.22 1.81 -2.65
C LYS A 72 5.81 0.48 -2.12
N CYS A 73 4.78 -0.15 -2.74
CA CYS A 73 4.43 -1.54 -2.51
C CYS A 73 5.47 -2.39 -3.18
N PHE A 74 5.95 -3.41 -2.45
CA PHE A 74 6.94 -4.37 -2.97
C PHE A 74 6.43 -5.14 -4.17
N HIS A 75 5.08 -5.37 -4.24
CA HIS A 75 4.48 -6.26 -5.22
C HIS A 75 4.03 -5.52 -6.48
N CYS A 76 3.12 -4.55 -6.36
CA CYS A 76 2.67 -3.77 -7.51
C CYS A 76 3.64 -2.66 -7.89
N GLY A 77 4.56 -2.32 -7.00
CA GLY A 77 5.45 -1.19 -7.20
C GLY A 77 4.73 0.13 -7.02
N GLY A 78 3.50 0.09 -6.55
CA GLY A 78 2.68 1.27 -6.41
C GLY A 78 3.13 2.20 -5.32
N GLY A 79 3.24 3.48 -5.66
CA GLY A 79 3.79 4.51 -4.79
C GLY A 79 2.79 5.50 -4.25
N LEU A 80 2.95 5.85 -2.98
CA LEU A 80 2.05 6.74 -2.25
C LEU A 80 2.84 7.70 -1.41
N THR A 81 2.24 8.86 -1.10
CA THR A 81 2.89 9.93 -0.35
C THR A 81 1.89 10.80 0.40
N ASP A 82 2.39 11.71 1.26
CA ASP A 82 1.60 12.73 1.96
C ASP A 82 0.49 12.11 2.78
N TRP A 83 0.89 11.22 3.69
CA TRP A 83 0.05 10.43 4.56
C TRP A 83 -0.60 11.28 5.63
N LYS A 84 -1.91 11.56 5.49
CA LYS A 84 -2.72 12.22 6.54
C LYS A 84 -3.01 11.19 7.64
N PRO A 85 -3.21 11.61 8.92
CA PRO A 85 -3.46 10.60 9.97
C PRO A 85 -4.78 9.83 9.79
N SER A 86 -5.76 10.41 9.07
CA SER A 86 -7.01 9.76 8.66
C SER A 86 -6.84 8.69 7.51
N GLU A 87 -5.63 8.56 6.93
CA GLU A 87 -5.46 7.66 5.79
C GLU A 87 -4.87 6.36 6.23
N ASP A 88 -5.49 5.26 5.80
CA ASP A 88 -5.08 3.91 6.18
C ASP A 88 -4.27 3.25 5.05
N PRO A 89 -3.13 2.64 5.41
CA PRO A 89 -2.33 1.92 4.40
C PRO A 89 -3.09 0.96 3.48
N TRP A 90 -3.91 0.02 3.99
CA TRP A 90 -4.64 -0.94 3.13
C TRP A 90 -5.69 -0.26 2.27
N GLU A 91 -6.41 0.73 2.85
CA GLU A 91 -7.39 1.54 2.13
C GLU A 91 -6.78 2.33 0.94
N GLN A 92 -5.62 2.99 1.19
CA GLN A 92 -4.88 3.71 0.18
C GLN A 92 -4.30 2.79 -0.89
N HIS A 93 -3.79 1.62 -0.48
CA HIS A 93 -3.29 0.58 -1.34
C HIS A 93 -4.38 0.12 -2.29
N ALA A 94 -5.60 -0.17 -1.74
CA ALA A 94 -6.77 -0.50 -2.54
C ALA A 94 -7.26 0.66 -3.42
N LYS A 95 -7.23 1.90 -2.93
CA LYS A 95 -7.76 3.03 -3.71
C LYS A 95 -6.96 3.20 -4.99
N TRP A 96 -5.64 3.30 -4.85
CA TRP A 96 -4.74 3.68 -5.91
C TRP A 96 -4.20 2.50 -6.74
N TYR A 97 -4.05 1.30 -6.09
CA TYR A 97 -3.51 0.13 -6.79
C TYR A 97 -4.46 -1.05 -6.68
N PRO A 98 -5.71 -0.89 -7.20
CA PRO A 98 -6.73 -1.95 -7.06
C PRO A 98 -6.38 -3.31 -7.71
N GLY A 99 -5.47 -3.29 -8.69
CA GLY A 99 -5.02 -4.50 -9.37
C GLY A 99 -3.88 -5.27 -8.72
N CYS A 100 -3.46 -4.86 -7.52
CA CYS A 100 -2.35 -5.49 -6.83
C CYS A 100 -2.70 -6.87 -6.31
N LYS A 101 -1.95 -7.88 -6.69
CA LYS A 101 -2.21 -9.26 -6.29
C LYS A 101 -1.87 -9.57 -4.84
N TYR A 102 -0.91 -8.88 -4.28
CA TYR A 102 -0.60 -8.91 -2.86
C TYR A 102 -1.81 -8.44 -2.01
N LEU A 103 -2.29 -7.21 -2.25
CA LEU A 103 -3.54 -6.66 -1.75
C LEU A 103 -4.70 -7.67 -1.82
N LEU A 104 -4.93 -8.29 -3.00
CA LEU A 104 -5.95 -9.33 -3.19
C LEU A 104 -5.72 -10.56 -2.31
N GLU A 105 -4.46 -11.05 -2.16
CA GLU A 105 -4.14 -12.24 -1.34
CA GLU A 105 -4.20 -12.24 -1.33
C GLU A 105 -4.44 -11.98 0.15
N GLN A 106 -4.08 -10.81 0.63
CA GLN A 106 -4.17 -10.49 2.04
C GLN A 106 -5.54 -10.09 2.45
N LYS A 107 -6.19 -9.23 1.65
CA LYS A 107 -7.49 -8.64 2.01
C LYS A 107 -8.70 -9.35 1.39
N GLY A 108 -8.53 -9.94 0.22
CA GLY A 108 -9.66 -10.55 -0.46
C GLY A 108 -10.52 -9.55 -1.20
N GLN A 109 -11.42 -10.03 -2.10
CA GLN A 109 -12.20 -9.16 -2.98
C GLN A 109 -13.40 -8.48 -2.22
N GLU A 110 -13.98 -9.13 -1.18
CA GLU A 110 -15.03 -8.47 -0.37
C GLU A 110 -14.52 -7.12 0.20
N TYR A 111 -13.39 -7.16 0.97
CA TYR A 111 -12.68 -5.94 1.42
C TYR A 111 -12.43 -4.95 0.32
N ILE A 112 -11.93 -5.40 -0.83
CA ILE A 112 -11.48 -4.47 -1.87
C ILE A 112 -12.67 -3.69 -2.46
N ASN A 113 -13.77 -4.41 -2.72
CA ASN A 113 -15.01 -3.83 -3.19
C ASN A 113 -15.57 -2.78 -2.27
N ASN A 114 -15.62 -3.06 -0.92
CA ASN A 114 -16.00 -2.10 0.14
CA ASN A 114 -16.06 -2.04 0.03
C ASN A 114 -15.21 -0.82 -0.03
N ILE A 115 -13.87 -0.93 -0.08
CA ILE A 115 -13.02 0.28 -0.15
C ILE A 115 -13.41 1.11 -1.35
N HIS A 116 -13.64 0.44 -2.47
CA HIS A 116 -13.91 1.09 -3.74
C HIS A 116 -15.22 1.78 -3.67
N LEU A 117 -16.27 1.04 -3.26
CA LEU A 117 -17.57 1.65 -3.04
C LEU A 117 -17.54 2.80 -2.06
N THR A 118 -16.84 2.65 -0.94
CA THR A 118 -16.73 3.65 0.11
C THR A 118 -16.11 4.92 -0.46
N HIS A 119 -15.02 4.80 -1.25
CA HIS A 119 -14.35 5.98 -1.76
C HIS A 119 -15.08 6.59 -2.96
N SER A 120 -15.53 5.74 -3.90
CA SER A 120 -16.41 6.14 -4.99
C SER A 120 -17.71 6.83 -4.48
N LEU A 121 -18.31 6.31 -3.38
CA LEU A 121 -19.40 7.02 -2.67
C LEU A 121 -18.89 8.27 -1.98
N GLU A 122 -17.68 8.27 -1.38
CA GLU A 122 -17.15 9.42 -0.61
C GLU A 122 -17.16 10.72 -1.40
N GLU A 123 -16.84 10.63 -2.72
CA GLU A 123 -16.93 11.70 -3.72
C GLU A 123 -18.34 12.37 -3.78
N CYS A 124 -19.41 11.53 -3.59
CA CYS A 124 -20.84 11.86 -3.52
CA CYS A 124 -20.83 11.87 -3.53
C CYS A 124 -21.41 12.23 -4.88
#